data_7N7X
#
_entry.id   7N7X
#
_cell.length_a   54.726
_cell.length_b   59.752
_cell.length_c   79.023
_cell.angle_alpha   90.000
_cell.angle_beta   90.000
_cell.angle_gamma   90.000
#
_symmetry.space_group_name_H-M   'P 21 21 21'
#
loop_
_entity.id
_entity.type
_entity.pdbx_description
1 polymer 'Plasma kallikrein light chain'
2 non-polymer Orladeyo
3 non-polymer 'PHOSPHATE ION'
4 water water
#
_entity_poly.entity_id   1
_entity_poly.type   'polypeptide(L)'
_entity_poly.pdbx_seq_one_letter_code
;IVGGTESSWGEWPWQVSLQVKLTAQRHLCGGSLIGHQWVLTAAHCFDGLPLQDVWRIYSGILELSDITKDTPFSQIKEII
IHQNYKVSEGNHDIALIKLQAPLEYTEFQKPISLPSKGDTSTIYTNCWVTGWGFSKEKGEIQNILQKVNIPLVTNEECQK
RYQDYKITQRMVCAGYKEGGKDACKGDSGGPLVCKHNGMWRLVGITSWGEGCARREQPGVYTKVAEYMDWILEKTQ
;
_entity_poly.pdbx_strand_id   AAA
#
# COMPACT_ATOMS: atom_id res chain seq x y z
N ILE A 1 -0.85 3.55 10.17
CA ILE A 1 0.34 4.45 10.23
C ILE A 1 0.59 4.84 11.69
N VAL A 2 1.78 4.57 12.16
CA VAL A 2 2.24 4.97 13.53
C VAL A 2 3.05 6.25 13.38
N GLY A 3 2.78 7.24 14.24
CA GLY A 3 3.62 8.45 14.35
C GLY A 3 3.32 9.45 13.28
N GLY A 4 2.19 9.31 12.56
CA GLY A 4 1.84 10.15 11.40
C GLY A 4 0.84 11.24 11.78
N THR A 5 0.30 11.96 10.81
CA THR A 5 -0.74 13.00 11.05
C THR A 5 -1.86 12.81 10.04
N GLU A 6 -2.96 13.54 10.23
CA GLU A 6 -4.11 13.51 9.31
C GLU A 6 -3.69 14.05 7.94
N SER A 7 -4.08 13.38 6.86
CA SER A 7 -3.86 13.90 5.50
C SER A 7 -4.92 14.97 5.21
N SER A 8 -4.80 15.70 4.11
CA SER A 8 -5.82 16.69 3.72
C SER A 8 -6.55 16.22 2.46
N TRP A 9 -7.68 16.84 2.11
CA TRP A 9 -8.46 16.46 0.90
C TRP A 9 -7.56 16.66 -0.31
N GLY A 10 -7.55 15.70 -1.25
CA GLY A 10 -6.79 15.78 -2.52
C GLY A 10 -5.28 15.57 -2.36
N GLU A 11 -4.76 15.34 -1.15
CA GLU A 11 -3.29 15.29 -0.92
C GLU A 11 -2.73 13.99 -1.53
N TRP A 12 -3.39 12.85 -1.37
CA TRP A 12 -2.84 11.56 -1.90
C TRP A 12 -3.86 10.91 -2.82
N PRO A 13 -4.10 11.50 -4.02
CA PRO A 13 -5.25 11.15 -4.84
C PRO A 13 -5.19 9.74 -5.48
N TRP A 14 -4.05 9.05 -5.34
CA TRP A 14 -3.82 7.66 -5.80
C TRP A 14 -4.12 6.64 -4.68
N GLN A 15 -4.33 7.07 -3.45
CA GLN A 15 -4.58 6.13 -2.34
C GLN A 15 -5.99 5.53 -2.47
N VAL A 16 -6.11 4.20 -2.43
CA VAL A 16 -7.44 3.57 -2.38
C VAL A 16 -7.55 2.66 -1.15
N SER A 17 -8.80 2.36 -0.77
CA SER A 17 -9.15 1.44 0.32
C SER A 17 -9.79 0.21 -0.31
N LEU A 18 -9.19 -0.95 -0.04
CA LEU A 18 -9.73 -2.26 -0.50
C LEU A 18 -10.57 -2.78 0.66
N GLN A 19 -11.87 -2.92 0.43
CA GLN A 19 -12.79 -3.28 1.51
C GLN A 19 -13.53 -4.56 1.11
N VAL A 20 -13.99 -5.29 2.11
CA VAL A 20 -14.83 -6.49 1.92
C VAL A 20 -16.22 -6.21 2.50
N LYS A 21 -17.26 -6.55 1.76
CA LYS A 21 -18.64 -6.43 2.30
C LYS A 21 -19.16 -7.86 2.51
N LEU A 22 -19.35 -8.27 3.77
CA LEU A 22 -20.04 -9.53 4.14
C LEU A 22 -21.35 -9.10 4.80
N THR A 23 -21.51 -9.28 6.11
CA THR A 23 -22.62 -8.64 6.88
C THR A 23 -22.21 -7.18 7.07
N ALA A 24 -21.07 -6.98 7.71
CA ALA A 24 -20.44 -5.65 7.88
C ALA A 24 -19.50 -5.41 6.70
N GLN A 25 -19.16 -4.16 6.46
CA GLN A 25 -18.18 -3.80 5.41
C GLN A 25 -16.89 -3.39 6.13
N ARG A 26 -15.71 -3.85 5.70
CA ARG A 26 -14.48 -3.43 6.41
C ARG A 26 -13.33 -3.24 5.43
N HIS A 27 -12.46 -2.32 5.80
CA HIS A 27 -11.20 -2.00 5.12
C HIS A 27 -10.17 -3.05 5.52
N LEU A 28 -9.58 -3.76 4.55
CA LEU A 28 -8.52 -4.78 4.77
C LEU A 28 -7.13 -4.23 4.41
N CYS A 29 -7.04 -3.44 3.33
CA CYS A 29 -5.73 -3.02 2.76
C CYS A 29 -5.86 -1.69 2.01
N GLY A 30 -4.70 -1.08 1.78
CA GLY A 30 -4.53 0.00 0.80
C GLY A 30 -4.23 -0.53 -0.58
N GLY A 31 -4.22 0.38 -1.53
CA GLY A 31 -3.64 0.18 -2.85
C GLY A 31 -3.32 1.54 -3.43
N SER A 32 -2.79 1.55 -4.64
CA SER A 32 -2.36 2.76 -5.39
C SER A 32 -2.98 2.67 -6.77
N LEU A 33 -3.76 3.67 -7.14
CA LEU A 33 -4.30 3.80 -8.51
C LEU A 33 -3.12 4.11 -9.39
N ILE A 34 -2.86 3.26 -10.40
CA ILE A 34 -1.74 3.43 -11.36
C ILE A 34 -2.30 3.67 -12.77
N GLY A 35 -3.58 3.39 -13.04
CA GLY A 35 -4.23 3.77 -14.31
C GLY A 35 -5.74 3.87 -14.15
N HIS A 36 -6.45 4.25 -15.21
CA HIS A 36 -7.92 4.43 -15.15
C HIS A 36 -8.58 3.13 -14.65
N GLN A 37 -8.05 1.95 -15.03
CA GLN A 37 -8.65 0.64 -14.67
C GLN A 37 -7.68 -0.22 -13.85
N TRP A 38 -6.67 0.35 -13.22
CA TRP A 38 -5.61 -0.48 -12.59
C TRP A 38 -5.22 0.03 -11.23
N VAL A 39 -5.25 -0.90 -10.28
CA VAL A 39 -4.80 -0.65 -8.88
C VAL A 39 -3.66 -1.63 -8.59
N LEU A 40 -2.60 -1.15 -7.98
CA LEU A 40 -1.45 -1.96 -7.53
C LEU A 40 -1.58 -2.14 -6.02
N THR A 41 -1.44 -3.37 -5.52
CA THR A 41 -1.53 -3.68 -4.09
C THR A 41 -0.61 -4.85 -3.73
N ALA A 42 -0.68 -5.30 -2.48
CA ALA A 42 0.10 -6.43 -1.95
C ALA A 42 -0.68 -7.72 -2.19
N ALA A 43 0.01 -8.75 -2.68
CA ALA A 43 -0.59 -10.07 -2.94
C ALA A 43 -1.23 -10.58 -1.64
N HIS A 44 -0.59 -10.33 -0.50
CA HIS A 44 -1.04 -10.96 0.77
C HIS A 44 -2.41 -10.43 1.19
N CYS A 45 -2.88 -9.33 0.57
CA CYS A 45 -4.20 -8.73 0.83
C CYS A 45 -5.33 -9.67 0.34
N PHE A 46 -5.00 -10.69 -0.47
CA PHE A 46 -5.93 -11.67 -1.06
C PHE A 46 -5.74 -13.03 -0.38
N ASP A 47 -5.03 -13.09 0.76
CA ASP A 47 -4.77 -14.39 1.45
C ASP A 47 -6.05 -15.00 2.02
N GLY A 48 -7.13 -14.23 2.18
CA GLY A 48 -8.46 -14.80 2.50
C GLY A 48 -9.25 -15.18 1.26
N LEU A 49 -8.68 -15.00 0.06
CA LEU A 49 -9.46 -14.57 -1.13
C LEU A 49 -10.74 -15.39 -1.28
N PRO A 50 -10.74 -16.71 -1.57
CA PRO A 50 -11.71 -17.26 -2.51
C PRO A 50 -13.17 -16.74 -2.42
N LEU A 51 -13.56 -16.02 -1.36
CA LEU A 51 -14.91 -15.38 -1.14
C LEU A 51 -15.37 -14.53 -2.35
N GLN A 52 -16.34 -15.04 -3.12
CA GLN A 52 -16.81 -14.52 -4.43
C GLN A 52 -17.63 -13.24 -4.24
N ASP A 53 -17.50 -12.31 -5.20
CA ASP A 53 -17.89 -10.88 -5.07
C ASP A 53 -17.30 -10.41 -3.74
N VAL A 54 -17.90 -9.38 -3.15
CA VAL A 54 -17.67 -8.87 -1.77
C VAL A 54 -16.47 -7.91 -1.73
N TRP A 55 -15.72 -7.67 -2.81
CA TRP A 55 -14.69 -6.58 -2.82
C TRP A 55 -15.31 -5.24 -3.29
N ARG A 56 -15.11 -4.18 -2.52
CA ARG A 56 -15.40 -2.79 -2.94
C ARG A 56 -14.12 -1.95 -2.78
N ILE A 57 -13.74 -1.23 -3.83
CA ILE A 57 -12.53 -0.36 -3.87
C ILE A 57 -12.95 1.11 -3.89
N TYR A 58 -12.51 1.83 -2.88
CA TYR A 58 -12.84 3.27 -2.70
C TYR A 58 -11.62 4.13 -3.02
N SER A 59 -11.87 5.09 -3.89
CA SER A 59 -10.88 6.07 -4.40
C SER A 59 -11.44 7.49 -4.18
N GLY A 60 -10.57 8.50 -4.13
CA GLY A 60 -10.96 9.89 -3.89
C GLY A 60 -11.59 10.08 -2.52
N ILE A 61 -11.19 9.28 -1.53
CA ILE A 61 -11.76 9.39 -0.15
C ILE A 61 -10.65 9.66 0.88
N LEU A 62 -11.06 10.37 1.92
CA LEU A 62 -10.16 10.74 3.03
C LEU A 62 -10.63 10.05 4.33
N GLU A 63 -11.93 9.83 4.51
CA GLU A 63 -12.48 9.48 5.84
C GLU A 63 -13.37 8.24 5.69
N LEU A 64 -13.00 7.13 6.31
CA LEU A 64 -13.72 5.84 6.09
C LEU A 64 -15.13 5.96 6.66
N SER A 65 -15.31 6.79 7.71
CA SER A 65 -16.59 7.08 8.40
C SER A 65 -17.64 7.74 7.49
N ASP A 66 -17.22 8.48 6.47
CA ASP A 66 -18.13 9.17 5.51
C ASP A 66 -18.51 8.24 4.35
N ILE A 67 -18.08 6.97 4.37
CA ILE A 67 -18.59 5.98 3.39
C ILE A 67 -20.03 5.61 3.74
N THR A 68 -20.93 5.79 2.79
CA THR A 68 -22.32 5.29 2.92
C THR A 68 -22.60 4.52 1.65
N LYS A 69 -23.82 4.02 1.54
CA LYS A 69 -24.38 3.45 0.29
C LYS A 69 -24.21 4.49 -0.82
N ASP A 70 -24.18 5.78 -0.53
CA ASP A 70 -24.18 6.83 -1.60
C ASP A 70 -22.79 6.98 -2.21
N THR A 71 -21.76 6.55 -1.46
CA THR A 71 -20.32 6.61 -1.87
C THR A 71 -20.05 5.70 -3.05
N PRO A 72 -19.59 6.24 -4.20
CA PRO A 72 -19.25 5.42 -5.34
C PRO A 72 -18.04 4.55 -4.99
N PHE A 73 -17.97 3.38 -5.61
CA PHE A 73 -16.86 2.43 -5.38
C PHE A 73 -16.60 1.72 -6.70
N SER A 74 -15.41 1.18 -6.86
CA SER A 74 -15.05 0.33 -8.00
C SER A 74 -15.27 -1.12 -7.61
N GLN A 75 -15.43 -1.99 -8.61
CA GLN A 75 -15.48 -3.44 -8.42
C GLN A 75 -14.34 -4.08 -9.20
N ILE A 76 -13.99 -5.29 -8.76
CA ILE A 76 -12.84 -6.08 -9.28
C ILE A 76 -13.33 -6.84 -10.50
N LYS A 77 -12.67 -6.65 -11.64
CA LYS A 77 -12.83 -7.44 -12.86
C LYS A 77 -11.84 -8.60 -12.83
N GLU A 78 -10.61 -8.35 -12.37
CA GLU A 78 -9.54 -9.37 -12.37
C GLU A 78 -8.50 -9.06 -11.29
N ILE A 79 -7.99 -10.11 -10.63
CA ILE A 79 -6.83 -10.07 -9.73
C ILE A 79 -5.69 -10.86 -10.37
N ILE A 80 -4.52 -10.26 -10.45
CA ILE A 80 -3.28 -10.92 -10.94
C ILE A 80 -2.31 -10.88 -9.78
N ILE A 81 -2.18 -12.01 -9.09
CA ILE A 81 -1.17 -12.22 -8.02
C ILE A 81 0.12 -12.63 -8.71
N HIS A 82 1.27 -12.08 -8.33
CA HIS A 82 2.56 -12.45 -8.96
C HIS A 82 2.73 -13.97 -8.86
N GLN A 83 3.17 -14.61 -9.94
CA GLN A 83 3.35 -16.09 -10.09
C GLN A 83 4.23 -16.64 -8.97
N ASN A 84 5.18 -15.87 -8.46
CA ASN A 84 6.16 -16.37 -7.43
C ASN A 84 5.69 -16.00 -6.02
N TYR A 85 4.46 -15.50 -5.86
CA TYR A 85 3.96 -15.18 -4.50
C TYR A 85 3.60 -16.51 -3.83
N LYS A 86 4.05 -16.72 -2.60
CA LYS A 86 3.75 -17.91 -1.76
C LYS A 86 3.24 -17.39 -0.41
N VAL A 87 2.08 -17.86 0.06
CA VAL A 87 1.52 -17.45 1.37
C VAL A 87 2.55 -17.74 2.48
N SER A 88 3.27 -18.86 2.40
CA SER A 88 4.21 -19.34 3.45
C SER A 88 5.50 -18.48 3.51
N GLU A 89 5.95 -17.95 2.37
CA GLU A 89 7.08 -16.99 2.31
C GLU A 89 6.52 -15.56 2.28
N GLY A 90 7.36 -14.54 2.29
CA GLY A 90 6.86 -13.15 2.20
C GLY A 90 7.38 -12.46 0.97
N ASN A 91 7.77 -13.24 -0.02
CA ASN A 91 8.45 -12.79 -1.27
C ASN A 91 7.41 -12.29 -2.27
N HIS A 92 7.83 -11.43 -3.19
CA HIS A 92 7.00 -11.09 -4.39
C HIS A 92 5.60 -10.66 -3.95
N ASP A 93 5.51 -9.84 -2.89
CA ASP A 93 4.22 -9.39 -2.32
C ASP A 93 3.64 -8.30 -3.22
N ILE A 94 3.06 -8.67 -4.35
CA ILE A 94 2.50 -7.71 -5.35
C ILE A 94 1.36 -8.36 -6.14
N ALA A 95 0.33 -7.58 -6.43
CA ALA A 95 -0.88 -7.99 -7.17
C ALA A 95 -1.39 -6.76 -7.94
N LEU A 96 -1.96 -6.98 -9.11
CA LEU A 96 -2.72 -5.95 -9.86
C LEU A 96 -4.18 -6.29 -9.74
N ILE A 97 -5.01 -5.25 -9.69
CA ILE A 97 -6.49 -5.32 -9.75
C ILE A 97 -6.96 -4.57 -10.98
N LYS A 98 -7.60 -5.27 -11.92
CA LYS A 98 -8.34 -4.63 -13.03
C LYS A 98 -9.75 -4.31 -12.51
N LEU A 99 -10.13 -3.04 -12.63
CA LEU A 99 -11.47 -2.58 -12.16
C LEU A 99 -12.45 -2.87 -13.28
N GLN A 100 -13.73 -3.12 -12.94
CA GLN A 100 -14.78 -3.46 -13.93
C GLN A 100 -15.06 -2.25 -14.81
N ALA A 101 -14.91 -1.03 -14.28
CA ALA A 101 -15.13 0.23 -15.02
C ALA A 101 -13.96 1.16 -14.78
N PRO A 102 -13.53 1.92 -15.81
CA PRO A 102 -12.44 2.90 -15.66
C PRO A 102 -12.85 4.05 -14.73
N LEU A 103 -11.94 4.56 -13.88
CA LEU A 103 -12.12 5.79 -13.07
C LEU A 103 -11.56 6.96 -13.86
N GLU A 104 -12.24 8.10 -13.78
CA GLU A 104 -11.78 9.36 -14.39
C GLU A 104 -10.70 9.98 -13.49
N TYR A 105 -9.79 10.75 -14.05
CA TYR A 105 -8.77 11.48 -13.25
C TYR A 105 -9.38 12.80 -12.84
N THR A 106 -9.21 13.18 -11.57
CA THR A 106 -9.64 14.47 -11.00
C THR A 106 -8.57 14.86 -10.00
N GLU A 107 -8.72 16.00 -9.37
CA GLU A 107 -7.79 16.48 -8.32
C GLU A 107 -7.89 15.59 -7.08
N PHE A 108 -8.98 14.82 -6.95
CA PHE A 108 -9.21 13.92 -5.79
C PHE A 108 -8.82 12.49 -6.11
N GLN A 109 -8.72 12.15 -7.39
CA GLN A 109 -8.65 10.74 -7.82
C GLN A 109 -7.77 10.68 -9.05
N LYS A 110 -6.49 10.38 -8.88
CA LYS A 110 -5.56 10.22 -10.03
C LYS A 110 -4.33 9.40 -9.65
N PRO A 111 -3.59 8.93 -10.67
CA PRO A 111 -2.65 7.83 -10.51
C PRO A 111 -1.32 8.34 -9.98
N ILE A 112 -0.59 7.49 -9.28
CA ILE A 112 0.86 7.71 -8.98
C ILE A 112 1.73 7.20 -10.16
N SER A 113 2.71 7.97 -10.59
CA SER A 113 3.73 7.57 -11.60
C SER A 113 4.62 6.46 -11.02
N LEU A 114 5.04 5.53 -11.88
CA LEU A 114 5.59 4.21 -11.49
C LEU A 114 7.12 4.16 -11.26
N PRO A 115 7.97 4.70 -12.15
CA PRO A 115 9.31 4.12 -12.28
C PRO A 115 10.04 4.04 -10.93
N ILE A 123 18.92 5.92 -1.23
CA ILE A 123 18.69 6.61 -2.54
C ILE A 123 17.72 7.79 -2.34
N TYR A 124 16.82 7.78 -1.34
CA TYR A 124 15.79 8.83 -1.12
C TYR A 124 15.55 9.07 0.37
N THR A 125 15.45 10.33 0.77
CA THR A 125 15.00 10.70 2.14
C THR A 125 13.54 11.18 2.06
N ASN A 126 13.17 11.88 0.99
CA ASN A 126 11.84 12.55 0.95
C ASN A 126 10.80 11.51 0.53
N CYS A 127 10.36 10.69 1.46
CA CYS A 127 9.39 9.61 1.17
C CYS A 127 8.28 9.67 2.19
N TRP A 128 7.08 9.29 1.76
CA TRP A 128 5.83 9.28 2.55
C TRP A 128 5.15 7.92 2.39
N VAL A 129 4.63 7.41 3.51
CA VAL A 129 3.77 6.21 3.55
C VAL A 129 2.43 6.68 4.07
N THR A 130 1.35 6.20 3.46
CA THR A 130 -0.01 6.65 3.82
C THR A 130 -0.90 5.44 4.04
N GLY A 131 -1.93 5.60 4.87
CA GLY A 131 -3.05 4.64 4.89
C GLY A 131 -3.91 4.78 6.14
N TRP A 132 -4.89 3.89 6.26
CA TRP A 132 -5.89 3.83 7.35
C TRP A 132 -5.55 2.69 8.33
N GLY A 133 -4.33 2.17 8.30
CA GLY A 133 -3.93 1.06 9.19
C GLY A 133 -3.80 1.50 10.64
N PHE A 134 -3.45 0.53 11.50
CA PHE A 134 -3.24 0.71 12.95
C PHE A 134 -2.28 1.88 13.20
N SER A 135 -2.58 2.74 14.18
CA SER A 135 -1.62 3.76 14.69
C SER A 135 -0.83 3.24 15.91
N LYS A 136 -0.99 1.97 16.29
CA LYS A 136 -0.11 1.24 17.26
C LYS A 136 -0.34 -0.26 17.01
N GLU A 137 0.57 -1.14 17.44
CA GLU A 137 0.53 -2.60 17.12
C GLU A 137 -0.79 -3.21 17.58
N LYS A 138 -1.31 -2.82 18.74
CA LYS A 138 -2.58 -3.35 19.34
C LYS A 138 -3.64 -2.31 19.04
N GLY A 139 -3.74 -1.94 17.76
CA GLY A 139 -4.43 -0.72 17.29
C GLY A 139 -5.71 -1.08 16.60
N GLU A 140 -6.26 -0.12 15.86
CA GLU A 140 -7.49 -0.29 15.08
C GLU A 140 -7.35 0.52 13.79
N ILE A 141 -8.16 0.19 12.80
CA ILE A 141 -8.26 0.92 11.50
C ILE A 141 -8.59 2.37 11.83
N GLN A 142 -7.91 3.33 11.20
CA GLN A 142 -8.11 4.78 11.46
C GLN A 142 -9.16 5.34 10.49
N ASN A 143 -9.87 6.37 10.93
CA ASN A 143 -10.93 7.02 10.14
C ASN A 143 -10.31 7.89 9.03
N ILE A 144 -9.43 8.81 9.40
CA ILE A 144 -8.82 9.84 8.51
C ILE A 144 -7.48 9.30 7.99
N LEU A 145 -7.28 9.28 6.68
CA LEU A 145 -6.05 8.76 6.03
C LEU A 145 -4.83 9.39 6.70
N GLN A 146 -3.94 8.57 7.24
CA GLN A 146 -2.74 9.09 7.94
C GLN A 146 -1.58 9.20 6.95
N LYS A 147 -0.65 10.10 7.23
CA LYS A 147 0.59 10.24 6.45
C LYS A 147 1.78 10.28 7.41
N VAL A 148 2.91 9.76 6.97
CA VAL A 148 4.18 9.84 7.74
C VAL A 148 5.33 9.89 6.72
N ASN A 149 6.33 10.72 7.03
CA ASN A 149 7.60 10.94 6.29
C ASN A 149 8.61 9.95 6.89
N ILE A 150 9.18 9.09 6.06
CA ILE A 150 10.13 8.04 6.52
C ILE A 150 11.22 7.95 5.46
N PRO A 151 12.51 7.98 5.86
CA PRO A 151 13.60 7.74 4.90
C PRO A 151 13.79 6.26 4.56
N LEU A 152 14.25 5.96 3.35
CA LEU A 152 14.66 4.59 2.97
C LEU A 152 15.95 4.26 3.74
N VAL A 153 16.23 2.97 4.00
CA VAL A 153 17.55 2.47 4.48
C VAL A 153 18.05 1.56 3.36
N THR A 154 19.36 1.30 3.26
CA THR A 154 19.90 0.35 2.25
C THR A 154 19.40 -1.06 2.56
N ASN A 155 19.46 -1.95 1.57
CA ASN A 155 19.06 -3.37 1.71
C ASN A 155 20.02 -4.02 2.72
N GLU A 156 21.29 -3.66 2.69
CA GLU A 156 22.30 -4.22 3.61
C GLU A 156 21.86 -3.91 5.04
N GLU A 157 21.57 -2.64 5.30
CA GLU A 157 21.12 -2.18 6.63
C GLU A 157 19.85 -2.96 6.99
N CYS A 158 18.90 -3.09 6.08
CA CYS A 158 17.61 -3.75 6.38
C CYS A 158 17.89 -5.22 6.74
N GLN A 159 18.70 -5.91 5.92
CA GLN A 159 19.05 -7.34 6.13
C GLN A 159 19.69 -7.49 7.51
N LYS A 160 20.58 -6.57 7.89
CA LYS A 160 21.22 -6.58 9.24
C LYS A 160 20.11 -6.64 10.30
N ARG A 161 19.03 -5.90 10.10
CA ARG A 161 17.92 -5.83 11.10
C ARG A 161 17.06 -7.10 11.07
N TYR A 162 17.08 -7.88 10.00
CA TYR A 162 16.18 -9.03 9.77
C TYR A 162 17.00 -10.27 9.41
N GLN A 163 17.66 -10.85 10.42
CA GLN A 163 18.57 -12.01 10.25
C GLN A 163 17.72 -13.26 10.01
N ASP A 164 16.47 -13.27 10.47
CA ASP A 164 15.55 -14.43 10.38
C ASP A 164 14.89 -14.51 9.00
N TYR A 165 15.03 -13.47 8.16
CA TYR A 165 14.39 -13.40 6.83
C TYR A 165 15.44 -13.04 5.77
N LYS A 166 15.12 -13.36 4.52
CA LYS A 166 15.87 -12.94 3.32
C LYS A 166 15.25 -11.65 2.79
N ILE A 167 15.98 -10.55 2.90
CA ILE A 167 15.63 -9.25 2.27
C ILE A 167 16.24 -9.30 0.89
N THR A 168 15.40 -9.38 -0.13
CA THR A 168 15.82 -9.54 -1.53
C THR A 168 16.00 -8.17 -2.16
N GLN A 169 16.66 -8.18 -3.31
CA GLN A 169 16.84 -7.06 -4.27
C GLN A 169 15.47 -6.52 -4.71
N ARG A 170 14.39 -7.27 -4.51
CA ARG A 170 13.03 -6.88 -4.95
C ARG A 170 12.26 -6.25 -3.77
N MET A 171 12.93 -6.05 -2.62
CA MET A 171 12.39 -5.35 -1.43
C MET A 171 13.16 -4.05 -1.22
N VAL A 172 12.49 -3.03 -0.67
CA VAL A 172 13.11 -1.77 -0.16
C VAL A 172 12.59 -1.59 1.26
N CYS A 173 13.41 -1.01 2.14
CA CYS A 173 13.04 -0.83 3.56
C CYS A 173 13.02 0.65 3.92
N ALA A 174 12.11 1.03 4.82
CA ALA A 174 12.02 2.44 5.30
C ALA A 174 11.77 2.44 6.79
N GLY A 175 12.57 3.20 7.53
CA GLY A 175 12.35 3.34 8.98
C GLY A 175 13.42 4.19 9.62
N TYR A 176 13.25 4.46 10.91
CA TYR A 176 14.16 5.26 11.75
C TYR A 176 14.87 4.30 12.70
N LYS A 177 16.15 4.54 12.93
CA LYS A 177 16.97 3.78 13.91
C LYS A 177 16.16 3.65 15.20
N GLU A 178 15.57 4.73 15.71
CA GLU A 178 14.81 4.67 17.00
C GLU A 178 13.30 4.50 16.77
N GLY A 179 12.86 4.06 15.59
CA GLY A 179 11.44 3.71 15.38
C GLY A 179 10.52 4.93 15.51
N GLY A 180 9.29 4.70 15.94
CA GLY A 180 8.29 5.75 16.23
C GLY A 180 7.47 6.18 15.01
N LYS A 181 7.99 5.97 13.81
CA LYS A 181 7.28 6.25 12.53
C LYS A 181 7.35 5.02 11.63
N ASP A 182 6.19 4.50 11.22
CA ASP A 182 6.09 3.24 10.44
C ASP A 182 4.67 3.07 9.92
N ALA A 183 4.56 2.23 8.92
CA ALA A 183 3.33 1.56 8.48
C ALA A 183 3.00 0.44 9.48
N CYS A 184 1.76 -0.04 9.42
CA CYS A 184 1.27 -1.09 10.32
C CYS A 184 0.08 -1.80 9.67
N LYS A 185 -0.46 -2.76 10.38
CA LYS A 185 -1.55 -3.62 9.87
C LYS A 185 -2.64 -2.70 9.30
N GLY A 186 -3.11 -3.03 8.11
CA GLY A 186 -4.19 -2.28 7.42
C GLY A 186 -3.61 -1.28 6.42
N ASP A 187 -2.33 -1.01 6.50
CA ASP A 187 -1.63 -0.11 5.54
C ASP A 187 -1.15 -0.91 4.34
N SER A 188 -1.04 -2.23 4.54
CA SER A 188 -0.56 -3.23 3.56
C SER A 188 -1.20 -2.96 2.22
N GLY A 189 -0.38 -2.94 1.17
CA GLY A 189 -0.83 -2.75 -0.21
C GLY A 189 -0.85 -1.29 -0.65
N GLY A 190 -0.81 -0.35 0.30
CA GLY A 190 -0.77 1.09 0.02
C GLY A 190 0.61 1.60 -0.40
N PRO A 191 0.70 2.88 -0.79
CA PRO A 191 1.92 3.41 -1.38
C PRO A 191 3.02 3.74 -0.37
N LEU A 192 4.26 3.56 -0.81
CA LEU A 192 5.42 4.35 -0.38
C LEU A 192 5.84 5.17 -1.60
N VAL A 193 5.67 6.48 -1.54
CA VAL A 193 6.02 7.43 -2.64
C VAL A 193 7.26 8.23 -2.22
N CYS A 194 8.16 8.53 -3.14
CA CYS A 194 9.30 9.45 -2.88
C CYS A 194 9.36 10.53 -3.96
N LYS A 195 9.83 11.73 -3.59
CA LYS A 195 9.98 12.92 -4.47
C LYS A 195 11.22 12.76 -5.33
N HIS A 196 11.02 12.70 -6.65
CA HIS A 196 12.07 12.83 -7.67
C HIS A 196 11.77 14.08 -8.48
N ASN A 197 12.63 15.10 -8.35
CA ASN A 197 12.66 16.20 -9.34
C ASN A 197 11.24 16.77 -9.41
N GLY A 198 10.71 17.19 -8.27
CA GLY A 198 9.40 17.86 -8.15
C GLY A 198 8.21 16.95 -8.48
N MET A 199 8.41 15.62 -8.48
CA MET A 199 7.30 14.68 -8.80
C MET A 199 7.37 13.43 -7.91
N TRP A 200 6.22 13.01 -7.40
CA TRP A 200 6.03 11.76 -6.64
C TRP A 200 6.20 10.56 -7.56
N ARG A 201 6.95 9.55 -7.12
CA ARG A 201 7.02 8.23 -7.78
C ARG A 201 6.65 7.15 -6.76
N LEU A 202 5.96 6.12 -7.22
CA LEU A 202 5.62 4.96 -6.35
C LEU A 202 6.90 4.15 -6.18
N VAL A 203 7.51 4.17 -5.00
CA VAL A 203 8.79 3.42 -4.83
C VAL A 203 8.49 2.05 -4.20
N GLY A 204 7.52 2.01 -3.30
CA GLY A 204 7.21 0.80 -2.52
C GLY A 204 5.72 0.53 -2.41
N ILE A 205 5.42 -0.74 -2.13
CA ILE A 205 4.09 -1.27 -1.70
C ILE A 205 4.31 -1.82 -0.30
N THR A 206 3.54 -1.32 0.66
CA THR A 206 3.59 -1.70 2.08
C THR A 206 3.39 -3.22 2.13
N SER A 207 4.34 -3.96 2.71
CA SER A 207 4.30 -5.42 2.76
C SER A 207 4.26 -5.92 4.21
N TRP A 208 5.32 -5.70 5.00
CA TRP A 208 5.40 -6.27 6.37
C TRP A 208 6.55 -5.65 7.18
N GLY A 209 6.62 -6.01 8.45
CA GLY A 209 7.78 -5.75 9.32
C GLY A 209 7.62 -6.51 10.59
N GLU A 210 8.64 -6.51 11.46
CA GLU A 210 8.49 -7.08 12.82
C GLU A 210 7.75 -6.03 13.66
N GLY A 211 6.45 -6.24 13.85
CA GLY A 211 5.57 -5.23 14.47
C GLY A 211 5.63 -3.90 13.71
N CYS A 212 5.44 -2.79 14.44
CA CYS A 212 5.32 -1.44 13.84
C CYS A 212 6.07 -0.42 14.68
N ALA A 213 6.99 0.33 14.06
CA ALA A 213 7.66 1.51 14.66
C ALA A 213 8.63 1.09 15.78
N ARG A 214 9.02 -0.17 15.86
CA ARG A 214 10.01 -0.65 16.86
C ARG A 214 11.36 -0.07 16.47
N ARG A 215 12.28 0.14 17.42
CA ARG A 215 13.62 0.68 17.07
C ARG A 215 14.33 -0.36 16.20
N GLU A 216 15.04 0.06 15.16
CA GLU A 216 15.88 -0.83 14.30
C GLU A 216 15.06 -2.01 13.75
N GLN A 217 13.77 -1.82 13.44
CA GLN A 217 12.90 -2.83 12.80
C GLN A 217 12.12 -2.09 11.74
N PRO A 218 12.78 -1.74 10.62
CA PRO A 218 12.13 -0.91 9.61
C PRO A 218 10.98 -1.63 8.88
N GLY A 219 10.15 -0.85 8.22
CA GLY A 219 9.09 -1.39 7.34
C GLY A 219 9.70 -1.98 6.11
N VAL A 220 9.13 -3.07 5.63
CA VAL A 220 9.58 -3.73 4.38
C VAL A 220 8.45 -3.52 3.37
N TYR A 221 8.84 -3.10 2.18
CA TYR A 221 8.02 -2.73 1.01
C TYR A 221 8.45 -3.58 -0.19
N THR A 222 7.50 -3.93 -1.05
CA THR A 222 7.78 -4.45 -2.41
C THR A 222 8.38 -3.29 -3.21
N LYS A 223 9.57 -3.50 -3.76
CA LYS A 223 10.31 -2.47 -4.54
C LYS A 223 9.75 -2.45 -5.96
N VAL A 224 8.91 -1.47 -6.25
CA VAL A 224 8.10 -1.37 -7.51
C VAL A 224 9.02 -1.37 -8.75
N ALA A 225 10.18 -0.72 -8.69
CA ALA A 225 11.08 -0.58 -9.86
C ALA A 225 11.48 -1.97 -10.36
N GLU A 226 11.65 -2.92 -9.44
CA GLU A 226 12.08 -4.31 -9.73
C GLU A 226 10.91 -5.13 -10.27
N TYR A 227 9.70 -4.58 -10.41
CA TYR A 227 8.54 -5.32 -10.98
C TYR A 227 8.00 -4.62 -12.23
N MET A 228 8.72 -3.66 -12.79
CA MET A 228 8.15 -2.82 -13.86
C MET A 228 7.88 -3.68 -15.11
N ASP A 229 8.75 -4.64 -15.45
CA ASP A 229 8.52 -5.55 -16.61
C ASP A 229 7.23 -6.32 -16.36
N TRP A 230 7.05 -6.84 -15.14
CA TRP A 230 5.84 -7.63 -14.82
C TRP A 230 4.60 -6.73 -14.86
N ILE A 231 4.70 -5.50 -14.35
CA ILE A 231 3.54 -4.56 -14.32
C ILE A 231 3.15 -4.23 -15.76
N LEU A 232 4.12 -3.89 -16.61
CA LEU A 232 3.80 -3.52 -18.01
C LEU A 232 3.22 -4.72 -18.76
N GLU A 233 3.83 -5.91 -18.63
CA GLU A 233 3.35 -7.13 -19.34
C GLU A 233 1.89 -7.40 -18.95
N LYS A 234 1.55 -7.35 -17.66
CA LYS A 234 0.23 -7.82 -17.18
C LYS A 234 -0.83 -6.78 -17.53
N THR A 235 -0.45 -5.50 -17.66
CA THR A 235 -1.43 -4.40 -17.84
C THR A 235 -1.71 -4.16 -19.34
N GLN A 236 -1.05 -4.87 -20.25
CA GLN A 236 -1.31 -4.70 -21.72
C GLN A 236 -0.98 -6.01 -22.43
#